data_2H5A
#
_entry.id   2H5A
#
_cell.length_a   71.008
_cell.length_b   74.551
_cell.length_c   86.091
_cell.angle_alpha   90.00
_cell.angle_beta   90.00
_cell.angle_gamma   90.00
#
_symmetry.space_group_name_H-M   'P 21 21 21'
#
loop_
_entity.id
_entity.type
_entity.pdbx_description
1 polymer Phosphomannomutase/phosphoglucomutase
2 non-polymer 'ZINC ION'
3 non-polymer 1-O-phosphono-alpha-D-xylopyranose
4 water water
#
_entity_poly.entity_id   1
_entity_poly.type   'polypeptide(L)'
_entity_poly.pdbx_seq_one_letter_code
;MSTVKAPTLPASIFRAYDIRGVVGDTLTAETAYWIGRAIGSESLARGEPCVAVGRDGRLSGPELVKQLIQGLVDCGCQVS
DVGMVPTPVLYYAANVLEGKSGVMLTG(SEP)HNPPDYNGFKIVVAGETLANEQIQALRERIEKNDLASGVGSVEQVDIL
PRYFKQIRDDIAMAKPMKVVVDCGNGVAGVIAPQLIEALGCSVIPLYCEVDGNFPNHHPDPGKPENLKDLIAKVKAENAD
LGLAFDGDGDRVGVVTNTGTIIYPDRLLMLFAKDVVSRNPGADIIFDVKCTRRLIALISGYGGRPVMWKTGHSLIKKKMK
ETGALLAGEMSGHVFFKERWFGFDDGIYSAARLLEILSQDQRDSEHVFSAFPSDISTPEINITVTEDSKFAIIEALQRDA
QWGEGNITTLDGVRVDYPKGWGLVRASNTTPVLVLRFEADTEEELERIKTVFRNQLKAVDSSLPVPF
;
_entity_poly.pdbx_strand_id   X
#
loop_
_chem_comp.id
_chem_comp.type
_chem_comp.name
_chem_comp.formula
X1P D-saccharide 1-O-phosphono-alpha-D-xylopyranose 'C5 H11 O8 P'
ZN non-polymer 'ZINC ION' 'Zn 2'
#
# COMPACT_ATOMS: atom_id res chain seq x y z
N LEU A 9 -12.65 -23.57 -6.60
CA LEU A 9 -12.12 -22.24 -7.04
C LEU A 9 -10.64 -22.34 -7.43
N PRO A 10 -10.18 -21.45 -8.35
CA PRO A 10 -8.76 -21.48 -8.71
C PRO A 10 -7.86 -21.08 -7.55
N ALA A 11 -6.78 -21.82 -7.36
CA ALA A 11 -5.82 -21.54 -6.30
C ALA A 11 -5.05 -20.24 -6.52
N SER A 12 -4.92 -19.83 -7.79
CA SER A 12 -4.04 -18.71 -8.17
C SER A 12 -4.48 -17.36 -7.60
N ILE A 13 -5.77 -17.22 -7.31
CA ILE A 13 -6.29 -15.96 -6.77
C ILE A 13 -5.96 -15.76 -5.29
N PHE A 14 -5.54 -16.82 -4.63
CA PHE A 14 -5.20 -16.76 -3.20
C PHE A 14 -3.73 -16.45 -3.01
N ARG A 15 -3.43 -15.16 -2.77
CA ARG A 15 -2.07 -14.66 -2.79
C ARG A 15 -1.51 -14.39 -1.40
N ALA A 16 -0.26 -13.92 -1.33
CA ALA A 16 0.37 -13.66 -0.03
C ALA A 16 -0.36 -12.58 0.79
N TYR A 17 -0.81 -11.51 0.15
CA TYR A 17 -1.33 -10.34 0.91
C TYR A 17 -2.84 -10.29 0.97
N ASP A 18 -3.48 -10.89 -0.03
CA ASP A 18 -4.91 -10.78 -0.24
C ASP A 18 -5.37 -11.75 -1.34
N ILE A 19 -6.62 -11.60 -1.77
CA ILE A 19 -7.18 -12.36 -2.89
C ILE A 19 -7.34 -11.40 -4.07
N ARG A 20 -6.87 -11.82 -5.24
CA ARG A 20 -6.91 -10.95 -6.45
C ARG A 20 -7.08 -11.79 -7.71
N GLY A 21 -7.98 -11.36 -8.58
CA GLY A 21 -8.28 -12.11 -9.77
C GLY A 21 -8.86 -11.23 -10.86
N VAL A 22 -9.23 -11.85 -11.96
CA VAL A 22 -9.83 -11.17 -13.10
C VAL A 22 -11.29 -11.61 -13.23
N VAL A 23 -12.20 -10.64 -13.23
CA VAL A 23 -13.62 -10.91 -13.29
C VAL A 23 -13.99 -11.47 -14.66
N GLY A 24 -14.79 -12.54 -14.67
CA GLY A 24 -15.13 -13.25 -15.91
C GLY A 24 -14.15 -14.37 -16.23
N ASP A 25 -12.99 -14.35 -15.58
CA ASP A 25 -12.00 -15.42 -15.70
C ASP A 25 -11.86 -16.11 -14.32
N THR A 26 -10.86 -15.70 -13.55
CA THR A 26 -10.55 -16.35 -12.27
C THR A 26 -11.47 -15.90 -11.12
N LEU A 27 -12.21 -14.82 -11.34
CA LEU A 27 -13.15 -14.31 -10.34
C LEU A 27 -14.54 -14.21 -10.95
N THR A 28 -15.51 -14.79 -10.27
CA THR A 28 -16.92 -14.70 -10.69
C THR A 28 -17.78 -14.34 -9.48
N ALA A 29 -19.06 -14.06 -9.72
CA ALA A 29 -20.03 -13.82 -8.64
C ALA A 29 -20.09 -14.97 -7.64
N GLU A 30 -20.09 -16.22 -8.14
CA GLU A 30 -20.14 -17.41 -7.30
C GLU A 30 -18.91 -17.50 -6.37
N THR A 31 -17.76 -17.10 -6.91
CA THR A 31 -16.49 -17.07 -6.15
C THR A 31 -16.62 -16.12 -4.97
N ALA A 32 -17.14 -14.93 -5.24
CA ALA A 32 -17.35 -13.93 -4.19
C ALA A 32 -18.27 -14.46 -3.08
N TYR A 33 -19.32 -15.19 -3.46
CA TYR A 33 -20.19 -15.81 -2.46
C TYR A 33 -19.41 -16.74 -1.51
N TRP A 34 -18.65 -17.67 -2.08
CA TRP A 34 -17.98 -18.68 -1.25
C TRP A 34 -16.84 -18.07 -0.46
N ILE A 35 -16.19 -17.07 -1.02
CA ILE A 35 -15.18 -16.30 -0.26
C ILE A 35 -15.87 -15.62 0.93
N GLY A 36 -17.05 -15.06 0.69
CA GLY A 36 -17.88 -14.52 1.78
C GLY A 36 -18.13 -15.56 2.86
N ARG A 37 -18.53 -16.76 2.46
CA ARG A 37 -18.78 -17.86 3.42
C ARG A 37 -17.52 -18.20 4.21
N ALA A 38 -16.38 -18.24 3.53
CA ALA A 38 -15.11 -18.59 4.20
C ALA A 38 -14.71 -17.51 5.20
N ILE A 39 -14.83 -16.24 4.82
CA ILE A 39 -14.46 -15.14 5.71
C ILE A 39 -15.39 -15.11 6.93
N GLY A 40 -16.69 -15.27 6.69
CA GLY A 40 -17.66 -15.29 7.79
C GLY A 40 -17.34 -16.39 8.80
N SER A 41 -17.00 -17.57 8.27
CA SER A 41 -16.66 -18.73 9.11
C SER A 41 -15.44 -18.44 9.96
N GLU A 42 -14.40 -17.87 9.35
CA GLU A 42 -13.18 -17.53 10.10
C GLU A 42 -13.45 -16.46 11.15
N SER A 43 -14.23 -15.44 10.80
CA SER A 43 -14.56 -14.38 11.75
C SER A 43 -15.29 -14.95 12.95
N LEU A 44 -16.28 -15.79 12.70
CA LEU A 44 -17.00 -16.49 13.76
C LEU A 44 -16.09 -17.38 14.62
N ALA A 45 -15.17 -18.09 13.97
CA ALA A 45 -14.17 -18.92 14.67
C ALA A 45 -13.32 -18.08 15.63
N ARG A 46 -13.10 -16.82 15.28
CA ARG A 46 -12.36 -15.87 16.14
C ARG A 46 -13.24 -15.06 17.11
N GLY A 47 -14.51 -15.42 17.20
CA GLY A 47 -15.43 -14.82 18.15
C GLY A 47 -16.03 -13.50 17.69
N GLU A 48 -16.02 -13.27 16.38
CA GLU A 48 -16.47 -12.00 15.83
C GLU A 48 -17.60 -12.16 14.81
N PRO A 49 -18.85 -11.92 15.24
CA PRO A 49 -19.96 -12.08 14.30
C PRO A 49 -20.17 -10.86 13.39
N CYS A 50 -19.55 -9.74 13.72
CA CYS A 50 -19.82 -8.44 13.07
C CYS A 50 -18.75 -8.11 12.05
N VAL A 51 -19.15 -7.93 10.80
CA VAL A 51 -18.21 -7.74 9.69
C VAL A 51 -18.63 -6.53 8.82
N ALA A 52 -17.72 -5.58 8.61
CA ALA A 52 -18.01 -4.47 7.70
C ALA A 52 -17.64 -4.86 6.27
N VAL A 53 -18.37 -4.34 5.29
CA VAL A 53 -18.07 -4.63 3.89
C VAL A 53 -18.10 -3.35 3.05
N GLY A 54 -17.05 -3.14 2.27
CA GLY A 54 -16.94 -1.99 1.38
C GLY A 54 -16.54 -2.43 -0.02
N ARG A 55 -16.72 -1.55 -1.00
CA ARG A 55 -16.26 -1.85 -2.34
C ARG A 55 -15.70 -0.59 -3.01
N ASP A 56 -14.81 -0.75 -3.97
CA ASP A 56 -14.26 0.42 -4.67
C ASP A 56 -15.20 0.80 -5.83
N GLY A 57 -14.69 1.54 -6.81
CA GLY A 57 -15.54 2.06 -7.87
C GLY A 57 -15.47 1.26 -9.14
N ARG A 58 -15.12 -0.02 -9.04
CA ARG A 58 -14.96 -0.86 -10.23
C ARG A 58 -16.32 -1.29 -10.80
N LEU A 59 -16.32 -1.60 -12.10
CA LEU A 59 -17.55 -1.98 -12.81
C LEU A 59 -18.23 -3.22 -12.20
N SER A 60 -17.40 -4.15 -11.73
CA SER A 60 -17.86 -5.43 -11.18
C SER A 60 -18.24 -5.35 -9.71
N GLY A 61 -17.99 -4.19 -9.09
CA GLY A 61 -18.26 -3.97 -7.68
C GLY A 61 -19.67 -4.35 -7.25
N PRO A 62 -20.70 -3.73 -7.84
CA PRO A 62 -22.08 -4.06 -7.46
C PRO A 62 -22.41 -5.56 -7.52
N GLU A 63 -22.04 -6.23 -8.61
CA GLU A 63 -22.36 -7.65 -8.74
C GLU A 63 -21.67 -8.50 -7.67
N LEU A 64 -20.36 -8.28 -7.49
CA LEU A 64 -19.62 -9.14 -6.57
C LEU A 64 -19.91 -8.82 -5.10
N VAL A 65 -20.12 -7.54 -4.78
CA VAL A 65 -20.31 -7.17 -3.37
C VAL A 65 -21.61 -7.77 -2.80
N LYS A 66 -22.65 -7.85 -3.63
CA LYS A 66 -23.91 -8.45 -3.20
C LYS A 66 -23.70 -9.93 -2.77
N GLN A 67 -22.91 -10.65 -3.55
CA GLN A 67 -22.60 -12.05 -3.25
C GLN A 67 -21.70 -12.21 -2.04
N LEU A 68 -20.75 -11.30 -1.90
CA LEU A 68 -19.84 -11.32 -0.75
C LEU A 68 -20.66 -11.12 0.50
N ILE A 69 -21.54 -10.13 0.48
CA ILE A 69 -22.45 -9.91 1.62
C ILE A 69 -23.34 -11.13 1.91
N GLN A 70 -23.91 -11.73 0.87
CA GLN A 70 -24.79 -12.90 1.07
C GLN A 70 -24.03 -14.08 1.71
N GLY A 71 -22.78 -14.27 1.28
CA GLY A 71 -21.95 -15.32 1.85
C GLY A 71 -21.71 -15.12 3.34
N LEU A 72 -21.46 -13.87 3.73
CA LEU A 72 -21.29 -13.52 5.13
C LEU A 72 -22.59 -13.72 5.90
N VAL A 73 -23.70 -13.25 5.31
CA VAL A 73 -25.01 -13.37 5.95
C VAL A 73 -25.37 -14.85 6.19
N ASP A 74 -25.04 -15.70 5.22
CA ASP A 74 -25.36 -17.11 5.28
C ASP A 74 -24.53 -17.90 6.32
N CYS A 75 -23.56 -17.23 6.95
CA CYS A 75 -22.82 -17.77 8.09
C CYS A 75 -23.48 -17.48 9.42
N GLY A 76 -24.38 -16.50 9.43
CA GLY A 76 -24.92 -15.98 10.67
C GLY A 76 -24.28 -14.65 11.06
N CYS A 77 -23.45 -14.06 10.19
CA CYS A 77 -22.81 -12.78 10.50
C CYS A 77 -23.76 -11.58 10.45
N GLN A 78 -23.46 -10.58 11.26
CA GLN A 78 -24.12 -9.28 11.16
C GLN A 78 -23.23 -8.35 10.32
N VAL A 79 -23.67 -8.09 9.09
CA VAL A 79 -22.88 -7.30 8.14
C VAL A 79 -23.20 -5.81 8.27
N SER A 80 -22.16 -4.99 8.24
CA SER A 80 -22.33 -3.53 8.10
C SER A 80 -21.88 -3.16 6.70
N ASP A 81 -22.85 -2.83 5.85
CA ASP A 81 -22.59 -2.49 4.45
C ASP A 81 -22.30 -1.00 4.32
N VAL A 82 -21.03 -0.65 4.13
CA VAL A 82 -20.65 0.77 4.01
C VAL A 82 -20.64 1.33 2.57
N GLY A 83 -21.09 0.52 1.62
CA GLY A 83 -21.25 0.97 0.23
C GLY A 83 -19.92 1.14 -0.49
N MET A 84 -19.86 2.15 -1.36
CA MET A 84 -18.69 2.39 -2.18
C MET A 84 -17.78 3.38 -1.46
N VAL A 85 -16.62 2.92 -1.02
CA VAL A 85 -15.71 3.75 -0.23
C VAL A 85 -14.26 3.43 -0.60
N PRO A 86 -13.31 4.33 -0.28
CA PRO A 86 -11.91 3.91 -0.39
C PRO A 86 -11.56 2.85 0.63
N THR A 87 -10.58 2.03 0.28
CA THR A 87 -10.10 0.97 1.15
C THR A 87 -9.87 1.41 2.61
N PRO A 88 -9.11 2.52 2.84
CA PRO A 88 -8.91 2.94 4.22
C PRO A 88 -10.20 3.26 4.99
N VAL A 89 -11.27 3.63 4.29
CA VAL A 89 -12.56 3.94 4.94
C VAL A 89 -13.19 2.61 5.44
N LEU A 90 -13.04 1.55 4.64
CA LEU A 90 -13.42 0.22 5.12
C LEU A 90 -12.61 -0.18 6.36
N TYR A 91 -11.28 -0.03 6.31
CA TYR A 91 -10.46 -0.31 7.48
C TYR A 91 -10.89 0.53 8.69
N TYR A 92 -11.18 1.80 8.46
CA TYR A 92 -11.74 2.69 9.48
C TYR A 92 -13.02 2.10 10.12
N ALA A 93 -13.95 1.66 9.27
CA ALA A 93 -15.20 1.05 9.73
C ALA A 93 -14.91 -0.13 10.65
N ALA A 94 -13.96 -0.97 10.25
CA ALA A 94 -13.56 -2.14 11.06
C ALA A 94 -12.78 -1.78 12.33
N ASN A 95 -12.50 -0.48 12.54
CA ASN A 95 -11.94 0.05 13.79
C ASN A 95 -12.95 0.81 14.66
N VAL A 96 -14.00 1.36 14.06
CA VAL A 96 -14.94 2.21 14.81
C VAL A 96 -16.36 1.63 14.99
N LEU A 97 -16.72 0.66 14.16
CA LEU A 97 -18.02 0.00 14.33
C LEU A 97 -17.92 -1.06 15.41
N GLU A 98 -19.00 -1.80 15.66
CA GLU A 98 -19.00 -2.82 16.73
C GLU A 98 -17.97 -3.92 16.48
N GLY A 99 -17.93 -4.41 15.24
CA GLY A 99 -17.03 -5.52 14.87
C GLY A 99 -15.64 -5.07 14.48
N LYS A 100 -14.68 -5.96 14.65
CA LYS A 100 -13.30 -5.69 14.25
C LYS A 100 -12.92 -6.44 12.96
N SER A 101 -13.92 -7.03 12.30
CA SER A 101 -13.72 -7.67 11.00
C SER A 101 -14.23 -6.80 9.86
N GLY A 102 -13.54 -6.87 8.72
CA GLY A 102 -13.92 -6.08 7.57
C GLY A 102 -13.43 -6.74 6.30
N VAL A 103 -14.20 -6.57 5.22
CA VAL A 103 -13.74 -7.03 3.90
C VAL A 103 -13.90 -5.88 2.91
N MET A 104 -12.84 -5.59 2.16
CA MET A 104 -12.89 -4.60 1.10
C MET A 104 -12.83 -5.33 -0.25
N LEU A 105 -13.83 -5.09 -1.08
CA LEU A 105 -13.84 -5.64 -2.43
C LEU A 105 -13.17 -4.63 -3.34
N THR A 106 -11.93 -4.94 -3.74
CA THR A 106 -11.12 -4.03 -4.55
C THR A 106 -10.11 -4.71 -5.47
N GLY A 107 -9.89 -4.08 -6.63
CA GLY A 107 -8.82 -4.48 -7.56
C GLY A 107 -7.62 -3.55 -7.48
N SEP A 108 -7.55 -2.75 -6.41
CA SEP A 108 -6.39 -1.87 -6.13
CB SEP A 108 -5.20 -2.70 -5.63
OG SEP A 108 -4.02 -1.92 -5.48
C SEP A 108 -6.05 -0.98 -7.35
O SEP A 108 -6.90 -0.22 -7.82
P SEP A 108 -3.13 -2.27 -4.17
O1P SEP A 108 -1.59 -2.33 -4.57
O2P SEP A 108 -3.56 -3.63 -3.44
O3P SEP A 108 -3.35 -1.09 -3.11
N HIS A 109 -4.83 -1.08 -7.86
CA HIS A 109 -4.35 -0.20 -8.94
C HIS A 109 -4.42 -0.86 -10.31
N ASN A 110 -4.94 -2.08 -10.35
CA ASN A 110 -4.94 -2.91 -11.56
C ASN A 110 -5.97 -2.48 -12.62
N PRO A 111 -5.81 -2.98 -13.88
CA PRO A 111 -6.79 -2.73 -14.95
C PRO A 111 -8.24 -2.98 -14.58
N PRO A 112 -9.18 -2.34 -15.31
CA PRO A 112 -10.61 -2.35 -15.01
C PRO A 112 -11.22 -3.72 -14.64
N ASP A 113 -10.78 -4.79 -15.29
CA ASP A 113 -11.40 -6.10 -15.12
C ASP A 113 -11.00 -6.82 -13.84
N TYR A 114 -9.93 -6.34 -13.19
CA TYR A 114 -9.43 -6.96 -11.97
C TYR A 114 -10.31 -6.61 -10.78
N ASN A 115 -10.44 -7.54 -9.84
CA ASN A 115 -11.04 -7.24 -8.53
C ASN A 115 -10.39 -8.19 -7.50
N GLY A 116 -10.91 -8.20 -6.27
CA GLY A 116 -10.23 -8.94 -5.21
C GLY A 116 -10.77 -8.56 -3.86
N PHE A 117 -10.10 -9.06 -2.83
CA PHE A 117 -10.59 -8.94 -1.46
C PHE A 117 -9.43 -8.66 -0.53
N LYS A 118 -9.54 -7.60 0.26
CA LYS A 118 -8.60 -7.35 1.34
C LYS A 118 -9.38 -7.61 2.63
N ILE A 119 -8.79 -8.38 3.54
CA ILE A 119 -9.55 -9.02 4.61
C ILE A 119 -8.93 -8.78 5.99
N VAL A 120 -9.76 -8.31 6.91
CA VAL A 120 -9.36 -8.15 8.30
C VAL A 120 -10.34 -8.98 9.12
N VAL A 121 -9.81 -9.84 9.97
CA VAL A 121 -10.65 -10.68 10.82
C VAL A 121 -10.26 -10.47 12.28
N ALA A 122 -11.22 -10.05 13.10
CA ALA A 122 -10.97 -9.83 14.52
C ALA A 122 -9.70 -8.99 14.75
N GLY A 123 -9.55 -7.93 13.96
CA GLY A 123 -8.48 -6.96 14.13
C GLY A 123 -7.23 -7.24 13.31
N GLU A 124 -7.10 -8.47 12.83
CA GLU A 124 -5.88 -8.89 12.13
C GLU A 124 -6.08 -8.98 10.62
N THR A 125 -5.15 -8.37 9.88
CA THR A 125 -5.19 -8.43 8.42
C THR A 125 -4.60 -9.76 8.01
N LEU A 126 -5.37 -10.53 7.24
CA LEU A 126 -4.94 -11.88 6.88
C LEU A 126 -3.83 -11.86 5.83
N ALA A 127 -2.89 -12.80 5.95
CA ALA A 127 -1.85 -12.98 4.94
C ALA A 127 -1.37 -14.42 4.93
N ASN A 128 -0.67 -14.78 3.85
CA ASN A 128 0.06 -16.04 3.75
C ASN A 128 -0.81 -17.27 4.04
N GLU A 129 -0.44 -18.06 5.05
CA GLU A 129 -1.20 -19.25 5.41
C GLU A 129 -2.68 -18.97 5.76
N GLN A 130 -2.97 -17.77 6.27
CA GLN A 130 -4.35 -17.41 6.64
C GLN A 130 -5.24 -17.26 5.42
N ILE A 131 -4.69 -16.75 4.33
CA ILE A 131 -5.46 -16.64 3.09
C ILE A 131 -5.66 -18.03 2.50
N GLN A 132 -4.61 -18.86 2.58
CA GLN A 132 -4.75 -20.25 2.14
C GLN A 132 -5.78 -21.00 2.97
N ALA A 133 -5.88 -20.67 4.26
CA ALA A 133 -6.88 -21.31 5.14
C ALA A 133 -8.31 -21.05 4.66
N LEU A 134 -8.56 -19.86 4.11
CA LEU A 134 -9.87 -19.57 3.49
C LEU A 134 -10.16 -20.49 2.31
N ARG A 135 -9.17 -20.62 1.42
CA ARG A 135 -9.27 -21.51 0.28
C ARG A 135 -9.58 -22.94 0.74
N GLU A 136 -8.87 -23.35 1.80
CA GLU A 136 -9.01 -24.69 2.37
C GLU A 136 -10.41 -24.93 2.96
N ARG A 137 -10.97 -23.93 3.63
CA ARG A 137 -12.33 -24.03 4.17
C ARG A 137 -13.32 -24.37 3.08
N ILE A 138 -13.21 -23.69 1.93
CA ILE A 138 -14.14 -23.90 0.83
C ILE A 138 -13.97 -25.30 0.24
N GLU A 139 -12.73 -25.73 0.04
CA GLU A 139 -12.46 -27.08 -0.49
C GLU A 139 -13.05 -28.16 0.43
N LYS A 140 -12.95 -27.94 1.74
CA LYS A 140 -13.35 -28.91 2.75
C LYS A 140 -14.83 -28.80 3.15
N ASN A 141 -15.49 -27.76 2.65
CA ASN A 141 -16.81 -27.35 3.15
C ASN A 141 -16.83 -27.15 4.67
N ASP A 142 -15.73 -26.62 5.20
CA ASP A 142 -15.60 -26.32 6.62
C ASP A 142 -16.14 -24.90 6.82
N LEU A 143 -17.46 -24.79 6.73
CA LEU A 143 -18.14 -23.49 6.64
C LEU A 143 -19.31 -23.39 7.61
N ALA A 144 -19.41 -22.24 8.26
CA ALA A 144 -20.54 -21.92 9.13
C ALA A 144 -21.84 -21.77 8.33
N SER A 145 -22.96 -22.00 9.00
CA SER A 145 -24.29 -21.78 8.44
C SER A 145 -25.14 -21.11 9.48
N GLY A 146 -25.85 -20.05 9.09
CA GLY A 146 -26.76 -19.38 9.99
C GLY A 146 -27.57 -18.34 9.26
N VAL A 147 -28.38 -17.62 10.03
CA VAL A 147 -29.28 -16.61 9.46
C VAL A 147 -28.82 -15.26 9.98
N GLY A 148 -27.98 -14.60 9.18
CA GLY A 148 -27.36 -13.34 9.55
C GLY A 148 -28.23 -12.16 9.17
N SER A 149 -27.60 -10.99 9.08
CA SER A 149 -28.32 -9.76 8.81
C SER A 149 -27.40 -8.75 8.13
N VAL A 150 -27.98 -7.79 7.40
CA VAL A 150 -27.22 -6.68 6.85
C VAL A 150 -27.83 -5.36 7.28
N GLU A 151 -26.97 -4.43 7.71
CA GLU A 151 -27.38 -3.07 8.01
C GLU A 151 -26.55 -2.13 7.15
N GLN A 152 -27.20 -1.13 6.58
CA GLN A 152 -26.46 -0.11 5.86
C GLN A 152 -25.91 0.90 6.84
N VAL A 153 -24.66 1.27 6.61
CA VAL A 153 -23.97 2.25 7.45
C VAL A 153 -23.32 3.30 6.55
N ASP A 154 -23.64 4.56 6.82
CA ASP A 154 -23.10 5.71 6.10
C ASP A 154 -21.89 6.23 6.88
N ILE A 155 -20.70 5.71 6.54
CA ILE A 155 -19.49 5.98 7.35
C ILE A 155 -18.59 7.14 6.87
N LEU A 156 -18.74 7.53 5.60
CA LEU A 156 -17.88 8.56 5.03
C LEU A 156 -17.91 9.90 5.81
N PRO A 157 -19.11 10.41 6.19
CA PRO A 157 -19.09 11.64 6.98
C PRO A 157 -18.30 11.54 8.30
N ARG A 158 -18.35 10.38 8.97
CA ARG A 158 -17.63 10.22 10.25
C ARG A 158 -16.12 10.23 10.03
N TYR A 159 -15.71 9.53 8.98
CA TYR A 159 -14.30 9.48 8.56
C TYR A 159 -13.77 10.88 8.22
N PHE A 160 -14.51 11.58 7.36
CA PHE A 160 -14.23 12.95 6.97
C PHE A 160 -14.01 13.84 8.20
N LYS A 161 -14.96 13.80 9.13
CA LYS A 161 -14.92 14.64 10.33
C LYS A 161 -13.75 14.27 11.24
N GLN A 162 -13.49 12.97 11.37
CA GLN A 162 -12.39 12.51 12.20
C GLN A 162 -11.05 13.07 11.71
N ILE A 163 -10.84 13.03 10.39
CA ILE A 163 -9.61 13.61 9.83
C ILE A 163 -9.58 15.14 9.96
N ARG A 164 -10.65 15.79 9.54
CA ARG A 164 -10.70 17.26 9.58
C ARG A 164 -10.40 17.80 10.99
N ASP A 165 -10.95 17.15 12.00
CA ASP A 165 -10.75 17.58 13.38
C ASP A 165 -9.33 17.34 13.94
N ASP A 166 -8.58 16.42 13.34
CA ASP A 166 -7.23 16.04 13.80
C ASP A 166 -6.15 16.89 13.13
N ILE A 167 -6.51 17.55 12.02
CA ILE A 167 -5.52 18.26 11.20
C ILE A 167 -5.62 19.76 11.36
N ALA A 168 -4.47 20.42 11.53
CA ALA A 168 -4.44 21.88 11.66
C ALA A 168 -3.46 22.51 10.68
N MET A 169 -3.93 22.82 9.48
CA MET A 169 -3.12 23.51 8.49
C MET A 169 -2.86 24.95 8.91
N ALA A 170 -1.61 25.40 8.80
CA ALA A 170 -1.18 26.70 9.32
C ALA A 170 -1.42 27.83 8.34
N LYS A 171 -1.40 27.50 7.05
CA LYS A 171 -1.63 28.50 6.00
C LYS A 171 -2.25 27.84 4.76
N PRO A 172 -2.92 28.65 3.91
CA PRO A 172 -3.56 28.07 2.71
C PRO A 172 -2.58 27.49 1.70
N MET A 173 -2.98 26.41 1.05
CA MET A 173 -2.19 25.81 -0.01
C MET A 173 -3.05 25.53 -1.24
N LYS A 174 -2.45 25.63 -2.42
CA LYS A 174 -3.13 25.26 -3.66
C LYS A 174 -2.58 23.92 -4.11
N VAL A 175 -3.47 22.97 -4.33
CA VAL A 175 -3.09 21.56 -4.51
C VAL A 175 -3.83 20.93 -5.67
N VAL A 176 -3.09 20.33 -6.60
CA VAL A 176 -3.71 19.55 -7.67
C VAL A 176 -3.92 18.12 -7.12
N VAL A 177 -5.12 17.59 -7.31
CA VAL A 177 -5.44 16.25 -6.82
C VAL A 177 -5.90 15.36 -7.97
N ASP A 178 -5.13 14.30 -8.23
CA ASP A 178 -5.41 13.37 -9.31
C ASP A 178 -5.91 12.07 -8.69
N CYS A 179 -7.19 11.75 -8.89
CA CYS A 179 -7.76 10.50 -8.35
C CYS A 179 -7.72 9.33 -9.32
N GLY A 180 -7.29 9.57 -10.56
CA GLY A 180 -7.15 8.49 -11.55
C GLY A 180 -8.48 7.81 -11.90
N ASN A 181 -9.57 8.53 -11.68
CA ASN A 181 -10.94 8.03 -11.84
C ASN A 181 -11.28 6.88 -10.89
N GLY A 182 -10.52 6.78 -9.81
CA GLY A 182 -10.75 5.75 -8.80
C GLY A 182 -11.68 6.30 -7.75
N VAL A 183 -11.86 5.52 -6.68
CA VAL A 183 -12.84 5.82 -5.66
C VAL A 183 -12.40 6.94 -4.71
N ALA A 184 -11.13 7.35 -4.71
CA ALA A 184 -10.71 8.45 -3.82
C ALA A 184 -11.46 9.75 -4.17
N GLY A 185 -12.00 9.79 -5.39
CA GLY A 185 -12.79 10.92 -5.84
C GLY A 185 -14.02 11.20 -4.99
N VAL A 186 -14.47 10.22 -4.20
CA VAL A 186 -15.65 10.41 -3.34
C VAL A 186 -15.39 11.29 -2.11
N ILE A 187 -14.11 11.51 -1.79
CA ILE A 187 -13.75 12.22 -0.56
C ILE A 187 -12.48 13.08 -0.63
N ALA A 188 -11.46 12.64 -1.36
CA ALA A 188 -10.16 13.33 -1.28
C ALA A 188 -10.19 14.83 -1.66
N PRO A 189 -10.73 15.18 -2.85
CA PRO A 189 -10.74 16.61 -3.14
C PRO A 189 -11.59 17.42 -2.14
N GLN A 190 -12.71 16.85 -1.69
CA GLN A 190 -13.61 17.54 -0.76
C GLN A 190 -12.92 17.76 0.60
N LEU A 191 -12.27 16.71 1.09
CA LEU A 191 -11.61 16.75 2.39
C LEU A 191 -10.40 17.69 2.38
N ILE A 192 -9.60 17.62 1.33
CA ILE A 192 -8.42 18.46 1.23
C ILE A 192 -8.82 19.94 1.15
N GLU A 193 -9.92 20.24 0.44
CA GLU A 193 -10.47 21.59 0.45
C GLU A 193 -10.86 22.01 1.87
N ALA A 194 -11.55 21.13 2.59
CA ALA A 194 -12.04 21.42 3.94
C ALA A 194 -10.90 21.66 4.94
N LEU A 195 -9.73 21.10 4.67
CA LEU A 195 -8.55 21.31 5.51
C LEU A 195 -8.04 22.75 5.40
N GLY A 196 -8.43 23.44 4.33
CA GLY A 196 -7.95 24.80 4.07
C GLY A 196 -7.09 24.92 2.82
N CYS A 197 -7.41 24.16 1.77
CA CYS A 197 -6.69 24.25 0.49
C CYS A 197 -7.63 24.71 -0.62
N SER A 198 -7.04 25.24 -1.69
CA SER A 198 -7.72 25.34 -2.97
C SER A 198 -7.36 24.07 -3.74
N VAL A 199 -8.35 23.38 -4.28
CA VAL A 199 -8.09 22.12 -4.94
C VAL A 199 -8.42 22.18 -6.42
N ILE A 200 -7.44 21.80 -7.23
CA ILE A 200 -7.64 21.64 -8.66
C ILE A 200 -7.82 20.15 -8.93
N PRO A 201 -9.05 19.73 -9.30
CA PRO A 201 -9.28 18.29 -9.49
C PRO A 201 -8.77 17.80 -10.85
N LEU A 202 -8.16 16.62 -10.85
CA LEU A 202 -7.80 15.91 -12.07
C LEU A 202 -8.36 14.49 -12.01
N TYR A 203 -9.17 14.14 -13.00
CA TYR A 203 -9.74 12.78 -13.09
C TYR A 203 -10.36 12.34 -11.77
N CYS A 204 -11.18 13.21 -11.20
CA CYS A 204 -11.78 12.92 -9.90
C CYS A 204 -13.19 12.34 -9.99
N GLU A 205 -13.68 12.17 -11.22
CA GLU A 205 -14.95 11.48 -11.43
C GLU A 205 -14.69 10.00 -11.28
N VAL A 206 -15.51 9.33 -10.48
CA VAL A 206 -15.35 7.88 -10.29
C VAL A 206 -15.84 7.22 -11.56
N ASP A 207 -14.93 6.51 -12.25
CA ASP A 207 -15.23 5.84 -13.51
C ASP A 207 -14.40 4.57 -13.67
N GLY A 208 -15.05 3.43 -13.41
CA GLY A 208 -14.40 2.11 -13.43
C GLY A 208 -13.79 1.67 -14.75
N ASN A 209 -14.04 2.43 -15.82
CA ASN A 209 -13.39 2.19 -17.11
C ASN A 209 -11.96 2.73 -17.13
N PHE A 210 -11.63 3.55 -16.14
CA PHE A 210 -10.33 4.22 -16.05
C PHE A 210 -9.89 4.76 -17.43
N PRO A 211 -10.68 5.69 -17.99
CA PRO A 211 -10.45 6.16 -19.36
C PRO A 211 -9.25 7.10 -19.54
N ASN A 212 -8.56 7.46 -18.46
CA ASN A 212 -7.48 8.46 -18.59
C ASN A 212 -6.06 7.93 -18.44
N HIS A 213 -5.72 7.50 -17.23
CA HIS A 213 -4.52 6.72 -17.02
C HIS A 213 -4.84 5.72 -15.92
N HIS A 214 -4.09 4.64 -15.87
CA HIS A 214 -4.21 3.66 -14.79
C HIS A 214 -4.08 4.40 -13.45
N PRO A 215 -4.93 4.05 -12.47
CA PRO A 215 -4.82 4.72 -11.17
C PRO A 215 -3.69 4.08 -10.35
N ASP A 216 -2.45 4.34 -10.78
CA ASP A 216 -1.26 3.74 -10.20
C ASP A 216 -0.15 4.80 -10.11
N PRO A 217 -0.12 5.56 -8.99
CA PRO A 217 0.80 6.67 -8.80
C PRO A 217 2.27 6.27 -8.62
N GLY A 218 2.54 4.96 -8.61
CA GLY A 218 3.92 4.47 -8.48
C GLY A 218 4.75 4.54 -9.75
N LYS A 219 4.05 4.73 -10.88
CA LYS A 219 4.69 4.85 -12.17
C LYS A 219 4.70 6.32 -12.63
N PRO A 220 5.90 6.87 -12.91
CA PRO A 220 6.04 8.26 -13.34
C PRO A 220 5.11 8.67 -14.48
N GLU A 221 4.83 7.75 -15.41
CA GLU A 221 3.98 8.07 -16.57
C GLU A 221 2.57 8.45 -16.15
N ASN A 222 2.12 7.87 -15.04
CA ASN A 222 0.80 8.16 -14.51
C ASN A 222 0.71 9.48 -13.74
N LEU A 223 1.86 10.12 -13.56
CA LEU A 223 1.93 11.42 -12.89
C LEU A 223 2.18 12.56 -13.87
N LYS A 224 2.31 12.24 -15.15
CA LYS A 224 2.65 13.23 -16.18
C LYS A 224 1.66 14.38 -16.23
N ASP A 225 0.36 14.04 -16.25
CA ASP A 225 -0.69 15.04 -16.30
C ASP A 225 -0.71 15.88 -15.01
N LEU A 226 -0.54 15.21 -13.87
CA LEU A 226 -0.43 15.89 -12.58
C LEU A 226 0.72 16.90 -12.55
N ILE A 227 1.90 16.46 -12.98
CA ILE A 227 3.07 17.33 -13.04
C ILE A 227 2.79 18.58 -13.91
N ALA A 228 2.22 18.36 -15.09
CA ALA A 228 1.96 19.47 -16.01
C ALA A 228 0.98 20.47 -15.40
N LYS A 229 -0.08 19.96 -14.75
CA LYS A 229 -1.11 20.80 -14.14
C LYS A 229 -0.57 21.61 -12.98
N VAL A 230 0.29 21.00 -12.16
CA VAL A 230 0.95 21.70 -11.06
C VAL A 230 1.69 22.92 -11.57
N LYS A 231 2.46 22.71 -12.63
CA LYS A 231 3.24 23.79 -13.27
C LYS A 231 2.34 24.86 -13.89
N ALA A 232 1.37 24.42 -14.70
CA ALA A 232 0.43 25.35 -15.38
C ALA A 232 -0.33 26.23 -14.40
N GLU A 233 -0.72 25.66 -13.25
CA GLU A 233 -1.56 26.36 -12.29
C GLU A 233 -0.78 27.02 -11.16
N ASN A 234 0.55 26.92 -11.19
CA ASN A 234 1.38 27.44 -10.10
C ASN A 234 0.96 26.88 -8.73
N ALA A 235 0.74 25.57 -8.68
CA ALA A 235 0.28 24.94 -7.45
C ALA A 235 1.46 24.65 -6.53
N ASP A 236 1.16 24.55 -5.23
CA ASP A 236 2.14 24.32 -4.19
C ASP A 236 2.54 22.85 -4.11
N LEU A 237 1.67 21.97 -4.62
CA LEU A 237 1.86 20.53 -4.47
C LEU A 237 0.89 19.79 -5.38
N GLY A 238 1.29 18.59 -5.78
CA GLY A 238 0.40 17.69 -6.50
C GLY A 238 0.29 16.39 -5.74
N LEU A 239 -0.92 15.84 -5.69
CA LEU A 239 -1.14 14.54 -5.04
C LEU A 239 -1.87 13.60 -5.99
N ALA A 240 -1.48 12.33 -5.99
CA ALA A 240 -2.19 11.32 -6.77
C ALA A 240 -2.55 10.14 -5.86
N PHE A 241 -3.72 9.55 -6.10
CA PHE A 241 -4.15 8.38 -5.34
C PHE A 241 -4.27 7.17 -6.27
N ASP A 242 -4.05 5.97 -5.75
CA ASP A 242 -4.31 4.78 -6.53
C ASP A 242 -5.81 4.49 -6.55
N GLY A 243 -6.21 3.43 -7.24
CA GLY A 243 -7.63 3.14 -7.48
C GLY A 243 -8.52 3.08 -6.25
N ASP A 244 -7.99 2.54 -5.14
CA ASP A 244 -8.77 2.34 -3.91
C ASP A 244 -8.37 3.26 -2.75
N GLY A 245 -7.42 4.16 -3.00
CA GLY A 245 -7.06 5.21 -2.04
C GLY A 245 -6.14 4.83 -0.88
N ASP A 246 -5.51 3.66 -0.96
CA ASP A 246 -4.56 3.29 0.11
C ASP A 246 -3.12 3.59 -0.23
N ARG A 247 -2.88 4.14 -1.43
CA ARG A 247 -1.56 4.59 -1.84
C ARG A 247 -1.65 6.05 -2.28
N VAL A 248 -0.57 6.79 -2.07
CA VAL A 248 -0.50 8.19 -2.44
C VAL A 248 0.83 8.41 -3.16
N GLY A 249 0.82 9.31 -4.13
CA GLY A 249 2.01 9.80 -4.81
C GLY A 249 2.04 11.32 -4.67
N VAL A 250 3.24 11.88 -4.71
CA VAL A 250 3.47 13.27 -4.34
C VAL A 250 4.41 13.94 -5.35
N VAL A 251 4.06 15.18 -5.70
CA VAL A 251 4.83 15.97 -6.66
C VAL A 251 5.01 17.35 -6.04
N THR A 252 6.21 17.92 -6.14
CA THR A 252 6.49 19.25 -5.56
C THR A 252 5.94 20.37 -6.46
N ASN A 253 6.00 21.60 -5.99
CA ASN A 253 5.62 22.78 -6.79
C ASN A 253 6.47 22.95 -8.06
N THR A 254 7.64 22.33 -8.09
CA THR A 254 8.48 22.36 -9.30
C THR A 254 8.34 21.10 -10.16
N GLY A 255 7.46 20.18 -9.74
CA GLY A 255 7.19 18.98 -10.52
C GLY A 255 8.07 17.78 -10.21
N THR A 256 8.89 17.89 -9.16
CA THR A 256 9.73 16.77 -8.72
C THR A 256 8.88 15.69 -8.06
N ILE A 257 9.05 14.45 -8.50
CA ILE A 257 8.38 13.31 -7.86
C ILE A 257 9.09 13.00 -6.54
N ILE A 258 8.30 12.94 -5.47
CA ILE A 258 8.80 12.61 -4.14
C ILE A 258 8.38 11.18 -3.86
N TYR A 259 9.33 10.27 -3.98
CA TYR A 259 8.99 8.87 -3.79
C TYR A 259 8.67 8.59 -2.33
N PRO A 260 7.84 7.56 -2.07
CA PRO A 260 7.33 7.35 -0.72
C PRO A 260 8.38 7.11 0.37
N ASP A 261 9.56 6.59 0.02
CA ASP A 261 10.61 6.45 1.03
C ASP A 261 11.15 7.81 1.53
N ARG A 262 11.16 8.81 0.66
CA ARG A 262 11.53 10.18 1.06
C ARG A 262 10.39 10.91 1.79
N LEU A 263 9.16 10.66 1.36
N LEU A 263 9.15 10.66 1.37
CA LEU A 263 8.00 11.11 2.12
CA LEU A 263 7.99 11.09 2.13
C LEU A 263 8.09 10.60 3.56
C LEU A 263 8.12 10.61 3.57
N LEU A 264 8.48 9.34 3.72
CA LEU A 264 8.59 8.74 5.03
C LEU A 264 9.61 9.45 5.92
N MET A 265 10.67 9.99 5.32
CA MET A 265 11.63 10.81 6.09
C MET A 265 10.95 11.98 6.78
N LEU A 266 10.10 12.70 6.04
CA LEU A 266 9.40 13.85 6.61
C LEU A 266 8.44 13.41 7.71
N PHE A 267 7.68 12.36 7.42
CA PHE A 267 6.74 11.79 8.41
C PHE A 267 7.46 11.25 9.65
N ALA A 268 8.61 10.59 9.44
CA ALA A 268 9.34 9.97 10.56
C ALA A 268 9.83 11.06 11.50
N LYS A 269 10.37 12.14 10.93
CA LYS A 269 10.81 13.28 11.73
C LYS A 269 9.65 13.80 12.59
N ASP A 270 8.48 13.99 11.97
CA ASP A 270 7.27 14.48 12.62
C ASP A 270 6.84 13.56 13.79
N VAL A 271 6.66 12.28 13.49
CA VAL A 271 6.22 11.32 14.50
C VAL A 271 7.24 11.18 15.65
N VAL A 272 8.51 10.98 15.31
CA VAL A 272 9.53 10.81 16.35
C VAL A 272 9.69 12.05 17.24
N SER A 273 9.50 13.23 16.65
CA SER A 273 9.58 14.49 17.42
C SER A 273 8.69 14.49 18.65
N ARG A 274 7.55 13.79 18.58
CA ARG A 274 6.59 13.73 19.70
C ARG A 274 6.64 12.39 20.46
N ASN A 275 7.43 11.46 19.96
CA ASN A 275 7.47 10.09 20.48
C ASN A 275 8.89 9.55 20.46
N PRO A 276 9.74 10.03 21.40
CA PRO A 276 11.13 9.60 21.44
C PRO A 276 11.24 8.08 21.49
N GLY A 277 12.12 7.53 20.66
CA GLY A 277 12.39 6.09 20.65
C GLY A 277 11.38 5.24 19.88
N ALA A 278 10.41 5.89 19.26
CA ALA A 278 9.34 5.18 18.50
C ALA A 278 9.91 4.28 17.42
N ASP A 279 9.32 3.10 17.23
CA ASP A 279 9.72 2.23 16.12
C ASP A 279 9.06 2.77 14.85
N ILE A 280 9.83 2.80 13.77
CA ILE A 280 9.35 3.24 12.46
C ILE A 280 9.71 2.16 11.45
N ILE A 281 8.69 1.60 10.80
CA ILE A 281 8.90 0.48 9.85
C ILE A 281 8.96 0.95 8.40
N PHE A 282 9.87 0.36 7.61
CA PHE A 282 9.90 0.59 6.17
C PHE A 282 10.24 -0.73 5.45
N ASP A 283 9.83 -0.87 4.20
CA ASP A 283 10.07 -2.16 3.54
C ASP A 283 11.46 -2.20 2.90
N VAL A 284 11.88 -3.40 2.50
CA VAL A 284 13.20 -3.61 1.88
C VAL A 284 13.46 -2.82 0.58
N LYS A 285 12.41 -2.21 0.02
CA LYS A 285 12.55 -1.40 -1.19
C LYS A 285 12.94 0.06 -0.95
N CYS A 286 12.97 0.46 0.32
CA CYS A 286 13.22 1.85 0.70
C CYS A 286 14.69 2.20 0.87
N THR A 287 15.00 3.48 0.65
CA THR A 287 16.36 3.99 0.71
C THR A 287 17.04 3.75 2.06
N ARG A 288 18.31 3.36 2.00
CA ARG A 288 19.11 3.21 3.20
C ARG A 288 19.18 4.52 4.00
N ARG A 289 18.98 5.64 3.30
CA ARG A 289 19.01 6.98 3.94
C ARG A 289 17.97 7.10 5.05
N LEU A 290 16.88 6.33 4.92
CA LEU A 290 15.87 6.25 5.98
C LEU A 290 16.38 5.73 7.31
N ILE A 291 17.26 4.72 7.25
CA ILE A 291 17.80 4.11 8.46
C ILE A 291 18.54 5.15 9.29
N ALA A 292 19.48 5.84 8.64
CA ALA A 292 20.27 6.87 9.30
C ALA A 292 19.37 7.98 9.84
N LEU A 293 18.45 8.46 9.00
CA LEU A 293 17.53 9.54 9.37
C LEU A 293 16.68 9.23 10.62
N ILE A 294 16.05 8.06 10.64
CA ILE A 294 15.22 7.67 11.78
C ILE A 294 16.09 7.59 13.04
N SER A 295 17.22 6.91 12.93
CA SER A 295 18.18 6.75 14.03
C SER A 295 18.66 8.11 14.59
N GLY A 296 18.91 9.06 13.70
CA GLY A 296 19.44 10.38 14.06
C GLY A 296 18.46 11.19 14.89
N TYR A 297 17.17 10.98 14.64
CA TYR A 297 16.12 11.67 15.38
C TYR A 297 15.73 10.91 16.66
N GLY A 298 16.40 9.78 16.89
CA GLY A 298 16.17 8.92 18.05
C GLY A 298 15.03 7.93 17.91
N GLY A 299 14.66 7.60 16.67
CA GLY A 299 13.69 6.53 16.41
C GLY A 299 14.40 5.20 16.23
N ARG A 300 13.64 4.10 16.24
CA ARG A 300 14.18 2.77 15.95
C ARG A 300 13.73 2.32 14.58
N PRO A 301 14.64 2.32 13.60
CA PRO A 301 14.27 1.89 12.25
C PRO A 301 14.13 0.38 12.20
N VAL A 302 13.03 -0.10 11.63
CA VAL A 302 12.75 -1.53 11.51
C VAL A 302 12.50 -1.82 10.04
N MET A 303 13.42 -2.52 9.40
CA MET A 303 13.25 -2.90 8.01
C MET A 303 12.42 -4.17 7.98
N TRP A 304 11.47 -4.24 7.06
CA TRP A 304 10.61 -5.41 6.99
C TRP A 304 10.23 -5.77 5.54
N LYS A 305 9.46 -6.85 5.43
CA LYS A 305 9.00 -7.39 4.16
C LYS A 305 8.10 -6.41 3.43
N THR A 306 8.21 -6.40 2.11
CA THR A 306 7.27 -5.68 1.27
C THR A 306 5.89 -6.34 1.38
N GLY A 307 4.83 -5.53 1.32
CA GLY A 307 3.48 -6.09 1.29
C GLY A 307 2.61 -5.49 2.38
N HIS A 308 1.54 -4.79 1.97
CA HIS A 308 0.73 -4.04 2.94
C HIS A 308 0.29 -4.88 4.15
N SER A 309 -0.20 -6.11 3.91
CA SER A 309 -0.68 -6.97 5.00
C SER A 309 0.45 -7.35 5.96
N LEU A 310 1.63 -7.56 5.39
CA LEU A 310 2.80 -7.96 6.19
C LEU A 310 3.29 -6.79 7.03
N ILE A 311 3.30 -5.60 6.45
CA ILE A 311 3.64 -4.40 7.21
C ILE A 311 2.66 -4.18 8.38
N LYS A 312 1.37 -4.36 8.11
CA LYS A 312 0.37 -4.21 9.16
C LYS A 312 0.59 -5.17 10.32
N LYS A 313 0.91 -6.42 10.01
CA LYS A 313 1.19 -7.41 11.05
C LYS A 313 2.41 -6.98 11.88
N LYS A 314 3.44 -6.52 11.18
CA LYS A 314 4.66 -6.10 11.86
C LYS A 314 4.45 -4.90 12.79
N MET A 315 3.58 -3.98 12.37
N MET A 315 3.57 -3.99 12.41
CA MET A 315 3.15 -2.86 13.22
CA MET A 315 3.23 -2.86 13.28
C MET A 315 2.70 -3.36 14.59
C MET A 315 2.61 -3.28 14.62
N LYS A 316 1.77 -4.31 14.58
CA LYS A 316 1.23 -4.93 15.80
C LYS A 316 2.34 -5.55 16.65
N GLU A 317 3.24 -6.27 15.99
N GLU A 317 3.27 -6.24 15.99
CA GLU A 317 4.33 -6.96 16.66
CA GLU A 317 4.31 -6.98 16.70
C GLU A 317 5.24 -6.00 17.42
C GLU A 317 5.43 -6.10 17.28
N THR A 318 5.54 -4.87 16.80
CA THR A 318 6.59 -3.97 17.26
C THR A 318 6.07 -2.78 18.07
N GLY A 319 4.78 -2.48 17.94
CA GLY A 319 4.21 -1.25 18.48
C GLY A 319 4.62 0.00 17.71
N ALA A 320 5.06 -0.18 16.46
CA ALA A 320 5.49 0.93 15.61
C ALA A 320 4.43 2.00 15.46
N LEU A 321 4.85 3.26 15.47
CA LEU A 321 3.92 4.38 15.35
C LEU A 321 3.71 4.84 13.91
N LEU A 322 4.56 4.36 13.01
CA LEU A 322 4.49 4.74 11.61
C LEU A 322 5.19 3.66 10.78
N ALA A 323 4.64 3.39 9.60
CA ALA A 323 5.30 2.50 8.63
C ALA A 323 5.04 3.05 7.24
N GLY A 324 5.91 2.70 6.31
CA GLY A 324 5.73 3.08 4.92
C GLY A 324 6.35 2.05 4.01
N GLU A 325 5.81 1.95 2.79
CA GLU A 325 6.39 1.13 1.73
C GLU A 325 6.76 2.01 0.56
N MET A 326 7.76 1.59 -0.20
CA MET A 326 8.17 2.30 -1.42
C MET A 326 6.99 2.46 -2.41
N SER A 327 6.06 1.51 -2.39
CA SER A 327 4.87 1.57 -3.29
C SER A 327 3.90 2.71 -2.95
N GLY A 328 4.00 3.27 -1.75
CA GLY A 328 3.17 4.42 -1.37
C GLY A 328 2.07 4.13 -0.34
N HIS A 329 2.09 2.92 0.19
CA HIS A 329 1.25 2.57 1.32
C HIS A 329 1.92 3.17 2.55
N VAL A 330 1.23 4.09 3.21
CA VAL A 330 1.74 4.73 4.42
C VAL A 330 0.78 4.53 5.57
N PHE A 331 1.32 4.08 6.70
CA PHE A 331 0.54 3.55 7.84
C PHE A 331 0.79 4.37 9.11
N PHE A 332 -0.11 5.30 9.44
CA PHE A 332 0.01 6.02 10.71
C PHE A 332 -0.69 5.30 11.83
N LYS A 333 0.06 5.01 12.90
CA LYS A 333 -0.56 4.62 14.16
C LYS A 333 -0.73 5.83 15.07
N GLU A 334 0.29 6.70 15.13
CA GLU A 334 0.21 7.93 15.89
C GLU A 334 -0.95 8.78 15.39
N ARG A 335 -1.85 9.14 16.31
CA ARG A 335 -3.06 9.93 16.04
C ARG A 335 -4.06 9.23 15.14
N TRP A 336 -3.86 7.93 14.89
CA TRP A 336 -4.65 7.22 13.91
C TRP A 336 -4.84 5.77 14.34
N PHE A 337 -5.04 4.87 13.37
CA PHE A 337 -5.43 3.48 13.66
C PHE A 337 -4.44 2.42 13.21
N GLY A 338 -3.41 2.82 12.48
CA GLY A 338 -2.34 1.90 12.09
C GLY A 338 -2.47 1.26 10.73
N PHE A 339 -3.56 1.52 10.01
CA PHE A 339 -3.74 0.95 8.68
C PHE A 339 -3.26 1.92 7.61
N ASP A 340 -2.98 1.38 6.42
CA ASP A 340 -2.55 2.20 5.28
C ASP A 340 -3.68 3.05 4.76
N ASP A 341 -3.36 4.31 4.44
CA ASP A 341 -4.40 5.28 4.10
C ASP A 341 -3.75 6.45 3.38
N GLY A 342 -3.97 6.52 2.08
CA GLY A 342 -3.39 7.56 1.24
C GLY A 342 -4.00 8.91 1.52
N ILE A 343 -5.27 8.90 1.93
CA ILE A 343 -6.03 10.14 2.13
C ILE A 343 -5.60 10.81 3.44
N TYR A 344 -5.54 10.01 4.50
CA TYR A 344 -5.02 10.47 5.78
C TYR A 344 -3.57 10.91 5.65
N SER A 345 -2.78 10.13 4.94
CA SER A 345 -1.36 10.46 4.75
C SER A 345 -1.21 11.80 4.01
N ALA A 346 -2.04 12.00 2.98
CA ALA A 346 -2.09 13.29 2.28
C ALA A 346 -2.37 14.46 3.25
N ALA A 347 -3.31 14.24 4.16
CA ALA A 347 -3.68 15.23 5.15
C ALA A 347 -2.53 15.51 6.11
N ARG A 348 -1.85 14.46 6.56
CA ARG A 348 -0.71 14.62 7.44
C ARG A 348 0.41 15.38 6.75
N LEU A 349 0.61 15.13 5.45
CA LEU A 349 1.64 15.82 4.67
C LEU A 349 1.34 17.31 4.54
N LEU A 350 0.09 17.61 4.21
CA LEU A 350 -0.35 19.00 4.04
C LEU A 350 -0.20 19.77 5.33
N GLU A 351 -0.46 19.10 6.46
CA GLU A 351 -0.29 19.71 7.78
C GLU A 351 1.16 20.15 8.00
N ILE A 352 2.08 19.22 7.77
CA ILE A 352 3.51 19.50 7.94
C ILE A 352 3.99 20.59 6.96
N LEU A 353 3.64 20.45 5.69
CA LEU A 353 4.07 21.45 4.69
C LEU A 353 3.53 22.85 4.94
N SER A 354 2.32 22.92 5.50
CA SER A 354 1.64 24.19 5.73
C SER A 354 2.32 24.96 6.85
N GLN A 355 3.08 24.24 7.68
CA GLN A 355 3.75 24.82 8.83
C GLN A 355 5.18 25.23 8.50
N ASP A 356 5.56 25.08 7.24
CA ASP A 356 6.87 25.48 6.76
C ASP A 356 6.70 26.63 5.76
N GLN A 357 7.42 27.73 6.01
CA GLN A 357 7.41 28.89 5.12
C GLN A 357 8.05 28.61 3.75
N ARG A 358 8.93 27.61 3.68
CA ARG A 358 9.54 27.19 2.40
C ARG A 358 8.55 26.44 1.51
N ASP A 359 8.84 26.41 0.21
CA ASP A 359 8.00 25.62 -0.71
C ASP A 359 8.28 24.12 -0.57
N SER A 360 7.40 23.28 -1.10
CA SER A 360 7.54 21.83 -0.93
C SER A 360 8.81 21.29 -1.59
N GLU A 361 9.23 21.90 -2.70
CA GLU A 361 10.50 21.52 -3.34
C GLU A 361 11.66 21.62 -2.35
N HIS A 362 11.75 22.75 -1.64
CA HIS A 362 12.87 22.97 -0.70
C HIS A 362 12.76 22.16 0.59
N VAL A 363 11.55 21.93 1.06
CA VAL A 363 11.38 21.07 2.23
C VAL A 363 11.97 19.69 1.95
N PHE A 364 11.67 19.14 0.78
CA PHE A 364 12.17 17.81 0.46
C PHE A 364 13.63 17.74 0.02
N SER A 365 14.10 18.75 -0.71
CA SER A 365 15.48 18.72 -1.21
C SER A 365 16.51 18.87 -0.08
N ALA A 366 16.04 19.27 1.10
CA ALA A 366 16.91 19.46 2.27
C ALA A 366 17.49 18.14 2.79
N PHE A 367 16.76 17.05 2.56
CA PHE A 367 17.17 15.73 3.01
C PHE A 367 18.23 15.13 2.08
N PRO A 368 19.20 14.38 2.65
CA PRO A 368 20.19 13.73 1.79
C PRO A 368 19.50 12.82 0.78
N SER A 369 20.13 12.63 -0.37
CA SER A 369 19.58 11.79 -1.43
C SER A 369 20.68 10.93 -2.03
N ASP A 370 20.32 9.72 -2.45
CA ASP A 370 21.19 8.89 -3.27
C ASP A 370 20.70 8.94 -4.72
N ILE A 371 21.50 8.39 -5.63
CA ILE A 371 21.08 8.13 -7.00
C ILE A 371 20.31 6.81 -7.00
N SER A 372 19.07 6.83 -7.47
CA SER A 372 18.19 5.66 -7.41
C SER A 372 17.83 5.16 -8.80
N THR A 373 17.80 3.84 -8.95
CA THR A 373 17.33 3.23 -10.18
C THR A 373 15.81 3.26 -10.22
N PRO A 374 15.23 3.35 -11.42
CA PRO A 374 13.84 2.94 -11.53
C PRO A 374 13.78 1.44 -11.25
N GLU A 375 12.64 0.97 -10.78
CA GLU A 375 12.47 -0.44 -10.46
C GLU A 375 12.77 -1.34 -11.67
N ILE A 376 13.45 -2.45 -11.40
CA ILE A 376 13.75 -3.44 -12.42
C ILE A 376 12.84 -4.64 -12.16
N ASN A 377 12.20 -5.13 -13.20
CA ASN A 377 11.37 -6.34 -13.13
C ASN A 377 11.87 -7.36 -14.14
N ILE A 378 12.00 -8.61 -13.72
CA ILE A 378 12.44 -9.68 -14.60
C ILE A 378 11.35 -10.74 -14.56
N THR A 379 10.77 -11.04 -15.72
CA THR A 379 9.71 -12.03 -15.75
C THR A 379 10.33 -13.41 -15.68
N VAL A 380 9.87 -14.17 -14.68
CA VAL A 380 10.23 -15.59 -14.51
C VAL A 380 8.93 -16.41 -14.52
N THR A 381 8.89 -17.55 -13.85
CA THR A 381 7.61 -18.27 -13.76
C THR A 381 7.07 -18.17 -12.33
N GLU A 382 5.75 -18.26 -12.19
CA GLU A 382 5.10 -18.19 -10.87
C GLU A 382 5.63 -19.29 -9.95
N ASP A 383 5.99 -20.42 -10.55
CA ASP A 383 6.41 -21.61 -9.82
C ASP A 383 7.95 -21.74 -9.73
N SER A 384 8.67 -20.74 -10.23
CA SER A 384 10.14 -20.75 -10.11
C SER A 384 10.68 -19.55 -9.32
N LYS A 385 9.87 -18.49 -9.19
CA LYS A 385 10.36 -17.24 -8.59
C LYS A 385 10.89 -17.45 -7.16
N PHE A 386 10.15 -18.20 -6.34
CA PHE A 386 10.59 -18.44 -4.95
C PHE A 386 11.86 -19.31 -4.87
N ALA A 387 11.97 -20.26 -5.80
CA ALA A 387 13.15 -21.13 -5.87
C ALA A 387 14.42 -20.36 -6.26
N ILE A 388 14.30 -19.42 -7.18
CA ILE A 388 15.44 -18.57 -7.54
C ILE A 388 15.93 -17.82 -6.30
N ILE A 389 15.00 -17.22 -5.57
CA ILE A 389 15.38 -16.52 -4.34
C ILE A 389 16.03 -17.47 -3.34
N GLU A 390 15.43 -18.64 -3.14
CA GLU A 390 16.00 -19.63 -2.20
C GLU A 390 17.43 -19.99 -2.62
N ALA A 391 17.60 -20.21 -3.92
CA ALA A 391 18.94 -20.50 -4.49
C ALA A 391 19.94 -19.39 -4.14
N LEU A 392 19.54 -18.13 -4.29
CA LEU A 392 20.42 -17.00 -3.95
C LEU A 392 20.74 -16.96 -2.46
N GLN A 393 19.73 -17.17 -1.63
CA GLN A 393 19.90 -17.19 -0.18
C GLN A 393 20.83 -18.31 0.29
N ARG A 394 20.82 -19.42 -0.44
CA ARG A 394 21.70 -20.55 -0.15
C ARG A 394 23.13 -20.34 -0.64
N ASP A 395 23.28 -19.87 -1.88
CA ASP A 395 24.52 -20.02 -2.66
C ASP A 395 25.29 -18.72 -2.88
N ALA A 396 24.60 -17.59 -2.88
CA ALA A 396 25.20 -16.33 -3.35
C ALA A 396 26.30 -15.79 -2.44
N GLN A 397 27.22 -15.03 -3.03
CA GLN A 397 28.33 -14.37 -2.32
C GLN A 397 28.27 -12.88 -2.69
N TRP A 398 28.30 -12.02 -1.68
CA TRP A 398 28.02 -10.58 -1.90
C TRP A 398 29.17 -9.64 -1.60
N GLY A 399 30.28 -10.21 -1.15
CA GLY A 399 31.41 -9.40 -0.71
C GLY A 399 31.06 -8.76 0.61
N GLU A 400 31.82 -7.72 0.97
CA GLU A 400 31.65 -7.08 2.25
C GLU A 400 30.42 -6.17 2.28
N GLY A 401 29.50 -6.45 3.20
CA GLY A 401 28.28 -5.66 3.34
C GLY A 401 27.36 -6.27 4.38
N ASN A 402 26.30 -5.55 4.75
CA ASN A 402 25.29 -6.06 5.65
C ASN A 402 24.20 -6.75 4.84
N ILE A 403 24.10 -8.08 4.99
CA ILE A 403 23.15 -8.91 4.22
C ILE A 403 21.88 -9.17 5.02
N THR A 404 20.74 -8.96 4.36
CA THR A 404 19.41 -9.16 4.96
C THR A 404 18.63 -10.10 4.07
N THR A 405 18.13 -11.20 4.62
CA THR A 405 17.34 -12.13 3.82
C THR A 405 15.90 -12.25 4.30
N LEU A 406 15.39 -11.23 4.98
CA LEU A 406 14.01 -11.32 5.46
C LEU A 406 12.98 -11.32 4.31
N ASP A 407 13.36 -10.69 3.19
CA ASP A 407 12.56 -10.70 1.97
C ASP A 407 13.48 -10.65 0.74
N GLY A 408 13.73 -11.81 0.14
CA GLY A 408 14.73 -11.90 -0.92
C GLY A 408 16.13 -11.77 -0.35
N VAL A 409 16.98 -11.01 -1.04
CA VAL A 409 18.29 -10.69 -0.49
C VAL A 409 18.49 -9.21 -0.70
N ARG A 410 18.73 -8.48 0.38
CA ARG A 410 19.16 -7.10 0.31
C ARG A 410 20.55 -7.00 0.89
N VAL A 411 21.42 -6.25 0.22
CA VAL A 411 22.77 -6.04 0.74
C VAL A 411 23.04 -4.54 0.83
N ASP A 412 23.39 -4.09 2.04
CA ASP A 412 23.73 -2.69 2.26
C ASP A 412 25.24 -2.52 2.38
N TYR A 413 25.78 -1.75 1.46
CA TYR A 413 27.21 -1.47 1.40
C TYR A 413 27.47 -0.10 2.04
N PRO A 414 28.74 0.26 2.27
CA PRO A 414 29.03 1.61 2.78
C PRO A 414 28.42 2.76 1.98
N LYS A 415 28.33 2.62 0.67
CA LYS A 415 27.94 3.74 -0.18
C LYS A 415 26.73 3.46 -1.06
N GLY A 416 26.00 2.40 -0.74
CA GLY A 416 24.81 2.05 -1.51
C GLY A 416 24.23 0.70 -1.12
N TRP A 417 23.18 0.29 -1.82
CA TRP A 417 22.53 -0.96 -1.52
C TRP A 417 21.88 -1.55 -2.76
N GLY A 418 21.63 -2.85 -2.71
CA GLY A 418 20.93 -3.56 -3.77
C GLY A 418 19.95 -4.55 -3.18
N LEU A 419 18.91 -4.85 -3.94
CA LEU A 419 17.85 -5.76 -3.52
C LEU A 419 17.40 -6.60 -4.68
N VAL A 420 17.22 -7.90 -4.43
CA VAL A 420 16.45 -8.77 -5.32
C VAL A 420 15.42 -9.53 -4.49
N ARG A 421 14.15 -9.53 -4.93
CA ARG A 421 13.09 -10.28 -4.24
C ARG A 421 12.02 -10.73 -5.23
N ALA A 422 11.24 -11.73 -4.82
CA ALA A 422 10.12 -12.20 -5.61
C ALA A 422 8.89 -11.34 -5.33
N SER A 423 8.20 -10.92 -6.39
CA SER A 423 6.91 -10.25 -6.26
C SER A 423 5.89 -11.26 -5.75
N ASN A 424 4.97 -10.83 -4.89
CA ASN A 424 3.85 -11.67 -4.47
C ASN A 424 2.54 -11.31 -5.18
N THR A 425 2.63 -10.54 -6.26
CA THR A 425 1.42 -10.14 -6.99
C THR A 425 1.54 -10.45 -8.48
N THR A 426 2.76 -10.70 -8.93
CA THR A 426 3.07 -10.94 -10.35
C THR A 426 4.22 -11.95 -10.46
N PRO A 427 4.34 -12.64 -11.62
CA PRO A 427 5.40 -13.65 -11.75
C PRO A 427 6.77 -13.05 -12.09
N VAL A 428 7.28 -12.19 -11.23
CA VAL A 428 8.50 -11.44 -11.56
C VAL A 428 9.45 -11.38 -10.37
N LEU A 429 10.73 -11.20 -10.68
CA LEU A 429 11.72 -10.77 -9.71
C LEU A 429 11.80 -9.25 -9.76
N VAL A 430 11.87 -8.65 -8.57
CA VAL A 430 11.95 -7.19 -8.41
C VAL A 430 13.35 -6.85 -7.92
N LEU A 431 14.00 -5.87 -8.58
CA LEU A 431 15.29 -5.37 -8.11
C LEU A 431 15.32 -3.87 -7.94
N ARG A 432 16.07 -3.42 -6.94
CA ARG A 432 16.26 -2.00 -6.69
C ARG A 432 17.74 -1.77 -6.40
N PHE A 433 18.27 -0.66 -6.88
CA PHE A 433 19.67 -0.29 -6.61
C PHE A 433 19.72 1.19 -6.36
N GLU A 434 20.60 1.57 -5.45
CA GLU A 434 20.81 2.95 -5.13
C GLU A 434 22.20 3.12 -4.57
N ALA A 435 22.84 4.22 -4.93
CA ALA A 435 24.16 4.53 -4.41
C ALA A 435 24.38 6.03 -4.38
N ASP A 436 25.39 6.48 -3.66
N ASP A 436 25.40 6.44 -3.65
CA ASP A 436 25.70 7.90 -3.62
CA ASP A 436 25.80 7.83 -3.56
C ASP A 436 26.58 8.39 -4.78
C ASP A 436 26.39 8.35 -4.88
N THR A 437 27.04 7.45 -5.63
CA THR A 437 27.73 7.80 -6.90
C THR A 437 27.32 6.84 -8.02
N GLU A 438 27.44 7.28 -9.28
CA GLU A 438 27.19 6.39 -10.41
C GLU A 438 28.14 5.20 -10.46
N GLU A 439 29.39 5.41 -10.02
CA GLU A 439 30.40 4.37 -10.01
C GLU A 439 29.99 3.23 -9.05
N GLU A 440 29.51 3.62 -7.88
CA GLU A 440 29.10 2.63 -6.88
C GLU A 440 27.84 1.90 -7.36
N LEU A 441 26.93 2.64 -7.97
CA LEU A 441 25.72 2.05 -8.54
C LEU A 441 26.08 0.91 -9.50
N GLU A 442 27.05 1.18 -10.38
CA GLU A 442 27.48 0.17 -11.34
C GLU A 442 28.19 -1.01 -10.67
N ARG A 443 28.98 -0.74 -9.64
CA ARG A 443 29.67 -1.81 -8.90
C ARG A 443 28.66 -2.76 -8.25
N ILE A 444 27.64 -2.20 -7.60
CA ILE A 444 26.61 -3.02 -6.97
C ILE A 444 25.81 -3.79 -8.04
N LYS A 445 25.38 -3.10 -9.10
CA LYS A 445 24.69 -3.79 -10.20
C LYS A 445 25.50 -4.98 -10.71
N THR A 446 26.81 -4.80 -10.87
CA THR A 446 27.67 -5.90 -11.32
C THR A 446 27.69 -7.09 -10.34
N VAL A 447 27.81 -6.82 -9.05
CA VAL A 447 27.73 -7.88 -8.04
C VAL A 447 26.43 -8.71 -8.23
N PHE A 448 25.30 -8.01 -8.31
CA PHE A 448 23.99 -8.67 -8.42
C PHE A 448 23.83 -9.42 -9.75
N ARG A 449 24.27 -8.80 -10.84
N ARG A 449 24.25 -8.77 -10.84
CA ARG A 449 24.23 -9.45 -12.14
CA ARG A 449 24.28 -9.42 -12.15
C ARG A 449 25.01 -10.77 -12.13
C ARG A 449 24.97 -10.77 -12.03
N ASN A 450 26.20 -10.76 -11.53
CA ASN A 450 27.03 -11.97 -11.43
C ASN A 450 26.46 -13.06 -10.50
N GLN A 451 25.81 -12.63 -9.42
CA GLN A 451 25.16 -13.59 -8.52
C GLN A 451 23.93 -14.25 -9.14
N LEU A 452 23.15 -13.46 -9.88
CA LEU A 452 22.01 -14.01 -10.59
C LEU A 452 22.48 -15.04 -11.63
N LYS A 453 23.51 -14.66 -12.39
CA LYS A 453 24.08 -15.54 -13.40
C LYS A 453 24.68 -16.83 -12.81
N ALA A 454 25.22 -16.75 -11.59
CA ALA A 454 25.82 -17.92 -10.93
C ALA A 454 24.75 -18.93 -10.52
N VAL A 455 23.55 -18.44 -10.22
CA VAL A 455 22.40 -19.31 -9.93
C VAL A 455 21.89 -19.92 -11.23
N ASP A 456 21.69 -19.07 -12.23
CA ASP A 456 21.18 -19.49 -13.53
C ASP A 456 21.72 -18.56 -14.61
N SER A 457 22.68 -19.07 -15.38
CA SER A 457 23.34 -18.28 -16.43
C SER A 457 22.38 -17.87 -17.55
N SER A 458 21.21 -18.51 -17.58
CA SER A 458 20.20 -18.21 -18.58
C SER A 458 19.22 -17.09 -18.16
N LEU A 459 19.30 -16.63 -16.92
CA LEU A 459 18.41 -15.54 -16.45
C LEU A 459 18.67 -14.22 -17.15
N PRO A 460 17.60 -13.49 -17.53
CA PRO A 460 17.79 -12.15 -18.09
C PRO A 460 18.38 -11.22 -17.04
N VAL A 461 19.33 -10.39 -17.46
CA VAL A 461 19.88 -9.37 -16.57
C VAL A 461 19.79 -8.01 -17.28
N PRO A 462 18.60 -7.39 -17.21
CA PRO A 462 18.29 -6.16 -17.93
C PRO A 462 18.73 -4.93 -17.14
N PHE A 463 19.95 -5.01 -16.60
CA PHE A 463 20.55 -3.90 -15.85
C PHE A 463 22.05 -4.07 -15.84
ZN ZN B . -4.45 0.43 -3.39
C1 X1P C . 3.29 -4.79 -4.37
O1 X1P C . 3.78 -6.04 -3.86
P X1P C . 4.85 -6.92 -4.67
O1P X1P C . 6.14 -6.13 -4.75
O2P X1P C . 4.32 -7.22 -6.06
O3P X1P C . 5.03 -8.20 -3.90
C2 X1P C . 3.98 -3.59 -3.71
O2 X1P C . 5.39 -3.59 -3.98
C3 X1P C . 3.72 -3.58 -2.20
O3 X1P C . 4.43 -2.50 -1.59
C4 X1P C . 2.20 -3.51 -1.99
O4 X1P C . 1.84 -3.60 -0.61
C5 X1P C . 1.54 -4.67 -2.73
O5 X1P C . 1.88 -4.70 -4.13
#